data_8J3T
#
_entry.id   8J3T
#
_cell.length_a   76.364
_cell.length_b   76.364
_cell.length_c   215.030
_cell.angle_alpha   90.00
_cell.angle_beta   90.00
_cell.angle_gamma   90.00
#
_symmetry.space_group_name_H-M   'P 41 21 2'
#
loop_
_entity.id
_entity.type
_entity.pdbx_description
1 polymer Assemblin
2 non-polymer (4R)-1-[1-[(S)-[1-cyclopentyl-3-(2-methylphenyl)pyrazol-4-yl]-(4-methylphenyl)methyl]-2-oxidanylidene-pyridin-3-yl]-3-methyl-2-oxidanylidene-N-(3-oxidanylidene-2-azabicyclo[2.2.2]octan-4-yl)imidazolidine-4-carboxamide
3 water water
#
_entity_poly.entity_id   1
_entity_poly.type   'polypeptide(L)'
_entity_poly.pdbx_seq_one_letter_code
;MHHHHHHMTMDEQQPQAVTPVYVGGFLARYDQSPDEAELLLPRDVVEHWLHAQGQGQPSLSVALPLNINHDDTAVVGHVA
AMQSVRDGLFCLGCVTSPRFLEIVRRASEKSELVSRGPVSPLQPDKVVEFLSGSYAGLSLSSRRCDDVEQATSLSGSETT
PFKHVALCSVGRRRGTLAVYGRDPEWVTQRFPDLTAADRDGLRAQWQRCGSTAVDASGDPFRSDSYGLLGNSVDALYIRE
RLPKLRYDKQLVGVTERESYVKA
;
_entity_poly.pdbx_strand_id   A,B
#
# COMPACT_ATOMS: atom_id res chain seq x y z
N THR A 19 8.82 12.10 20.68
CA THR A 19 9.50 10.85 21.10
C THR A 19 9.81 10.04 19.85
N PRO A 20 11.10 9.86 19.54
CA PRO A 20 11.45 9.12 18.33
C PRO A 20 11.11 7.63 18.42
N VAL A 21 11.33 6.92 17.31
CA VAL A 21 11.03 5.50 17.20
C VAL A 21 12.25 4.84 16.62
N TYR A 22 12.66 3.74 17.20
CA TYR A 22 13.81 3.07 16.65
C TYR A 22 13.25 2.02 15.73
N VAL A 23 14.08 1.57 14.81
CA VAL A 23 13.73 0.55 13.85
C VAL A 23 14.99 -0.24 13.61
N GLY A 24 14.86 -1.56 13.49
CA GLY A 24 16.02 -2.44 13.43
C GLY A 24 15.70 -3.59 12.52
N GLY A 25 16.75 -4.25 12.05
CA GLY A 25 16.56 -5.39 11.17
C GLY A 25 17.81 -5.72 10.40
N PHE A 26 17.71 -6.74 9.55
CA PHE A 26 18.81 -7.06 8.64
C PHE A 26 18.75 -6.26 7.32
N LEU A 27 19.88 -5.67 6.96
CA LEU A 27 20.05 -5.05 5.64
C LEU A 27 20.36 -6.07 4.56
N ALA A 28 21.02 -7.16 4.95
CA ALA A 28 21.43 -8.25 4.05
C ALA A 28 21.71 -9.56 4.81
N ARG A 29 21.30 -10.68 4.24
CA ARG A 29 21.57 -11.97 4.87
C ARG A 29 22.53 -12.87 4.09
N TYR A 30 23.61 -13.22 4.78
CA TYR A 30 24.72 -13.97 4.22
C TYR A 30 24.31 -15.38 3.80
N ASP A 31 23.41 -15.96 4.56
CA ASP A 31 22.84 -17.26 4.23
C ASP A 31 21.94 -17.25 3.01
N GLN A 32 21.60 -16.06 2.46
CA GLN A 32 20.63 -15.94 1.34
C GLN A 32 21.31 -15.64 0.02
N SER A 33 20.92 -16.40 -1.00
CA SER A 33 21.36 -16.15 -2.36
C SER A 33 20.28 -15.24 -2.97
N PRO A 34 20.72 -14.13 -3.60
CA PRO A 34 19.82 -13.18 -4.27
C PRO A 34 19.01 -13.76 -5.43
N ASP A 35 18.12 -12.94 -5.99
CA ASP A 35 17.50 -13.19 -7.30
C ASP A 35 18.14 -12.34 -8.38
N GLU A 36 18.82 -11.28 -7.96
CA GLU A 36 19.50 -10.43 -8.91
C GLU A 36 20.94 -10.55 -8.52
N ALA A 37 21.82 -10.67 -9.50
CA ALA A 37 23.24 -10.77 -9.20
C ALA A 37 23.78 -9.51 -8.50
N GLU A 38 23.14 -8.35 -8.72
CA GLU A 38 23.67 -7.06 -8.20
C GLU A 38 23.46 -6.88 -6.70
N LEU A 39 22.66 -7.75 -6.10
CA LEU A 39 22.41 -7.77 -4.65
C LEU A 39 23.35 -8.67 -3.80
N LEU A 40 24.54 -8.97 -4.31
CA LEU A 40 25.55 -9.70 -3.57
C LEU A 40 26.23 -8.75 -2.60
N LEU A 41 26.03 -8.99 -1.31
CA LEU A 41 26.89 -8.44 -0.27
C LEU A 41 27.15 -9.66 0.58
N PRO A 42 28.41 -10.17 0.60
CA PRO A 42 28.84 -11.21 1.56
C PRO A 42 29.72 -10.66 2.69
N ARG A 43 30.02 -11.49 3.67
CA ARG A 43 30.64 -11.03 4.92
C ARG A 43 32.00 -10.33 4.72
N ASP A 44 32.83 -10.84 3.80
CA ASP A 44 34.16 -10.27 3.57
C ASP A 44 34.11 -8.83 3.03
N VAL A 45 33.07 -8.52 2.24
CA VAL A 45 32.91 -7.16 1.67
C VAL A 45 32.31 -6.19 2.66
N VAL A 46 31.33 -6.68 3.42
CA VAL A 46 30.67 -5.90 4.47
C VAL A 46 31.69 -5.43 5.53
N GLU A 47 32.50 -6.37 6.01
CA GLU A 47 33.47 -6.13 7.07
C GLU A 47 34.60 -5.19 6.61
N HIS A 48 34.98 -5.30 5.35
CA HIS A 48 35.94 -4.40 4.71
C HIS A 48 35.43 -2.95 4.78
N TRP A 49 34.14 -2.77 4.45
CA TRP A 49 33.48 -1.45 4.44
C TRP A 49 33.26 -0.88 5.84
N LEU A 50 32.96 -1.76 6.78
CA LEU A 50 32.89 -1.38 8.19
C LEU A 50 34.24 -0.82 8.69
N HIS A 51 35.37 -1.47 8.32
CA HIS A 51 36.70 -0.90 8.59
C HIS A 51 36.94 0.45 7.87
N ALA A 52 36.21 0.73 6.81
CA ALA A 52 36.25 2.06 6.18
C ALA A 52 35.55 3.15 7.03
N GLN A 53 36.06 4.37 6.88
CA GLN A 53 35.62 5.54 7.65
C GLN A 53 34.14 5.83 7.44
N VAL A 62 29.50 13.10 9.87
CA VAL A 62 28.10 12.82 9.63
C VAL A 62 27.74 11.40 10.08
N ALA A 63 26.44 11.13 10.16
CA ALA A 63 25.89 9.79 10.40
C ALA A 63 24.84 9.53 9.35
N LEU A 64 24.76 8.27 8.89
CA LEU A 64 24.06 7.95 7.65
C LEU A 64 22.58 8.22 7.78
N PRO A 65 21.94 8.85 6.76
CA PRO A 65 20.55 9.23 6.91
C PRO A 65 19.61 8.06 6.61
N LEU A 66 18.38 8.17 7.10
CA LEU A 66 17.35 7.15 6.96
C LEU A 66 16.21 7.82 6.19
N ASN A 67 15.72 7.18 5.14
CA ASN A 67 14.66 7.84 4.37
C ASN A 67 13.51 6.89 3.98
N ILE A 68 12.55 7.40 3.21
CA ILE A 68 11.45 6.62 2.74
C ILE A 68 11.70 6.36 1.28
N ASN A 69 11.86 5.08 0.94
CA ASN A 69 11.97 4.62 -0.44
C ASN A 69 13.07 5.32 -1.25
N HIS A 70 14.22 5.46 -0.63
CA HIS A 70 15.38 6.00 -1.31
C HIS A 70 15.17 7.38 -1.86
N ASP A 71 14.21 8.10 -1.28
CA ASP A 71 13.84 9.42 -1.75
C ASP A 71 14.50 10.49 -0.84
N ASP A 72 15.43 11.26 -1.42
CA ASP A 72 16.23 12.25 -0.66
C ASP A 72 15.36 13.35 -0.06
N THR A 73 14.13 13.50 -0.56
CA THR A 73 13.13 14.42 0.02
C THR A 73 12.41 13.84 1.25
N ALA A 74 12.60 12.55 1.53
CA ALA A 74 11.88 11.87 2.60
C ALA A 74 12.78 11.38 3.73
N VAL A 75 13.77 12.16 4.13
CA VAL A 75 14.65 11.76 5.23
C VAL A 75 13.91 11.90 6.54
N VAL A 76 13.80 10.81 7.28
CA VAL A 76 12.99 10.82 8.50
C VAL A 76 13.81 10.77 9.77
N GLY A 77 15.12 10.60 9.62
CA GLY A 77 16.01 10.45 10.77
C GLY A 77 17.30 9.82 10.30
N HIS A 78 17.92 9.03 11.17
CA HIS A 78 19.24 8.47 10.87
C HIS A 78 19.47 7.05 11.33
N VAL A 79 20.51 6.45 10.76
CA VAL A 79 21.10 5.19 11.19
C VAL A 79 21.97 5.43 12.42
N ALA A 80 21.73 4.65 13.47
CA ALA A 80 22.45 4.77 14.73
C ALA A 80 23.50 3.68 14.91
N ALA A 81 23.36 2.56 14.19
CA ALA A 81 24.34 1.48 14.31
C ALA A 81 24.25 0.47 13.18
N MET A 82 25.39 -0.10 12.84
CA MET A 82 25.44 -1.30 12.01
C MET A 82 26.51 -2.26 12.57
N GLN A 83 26.35 -3.54 12.26
CA GLN A 83 27.19 -4.55 12.85
C GLN A 83 27.13 -5.79 11.98
N SER A 84 28.28 -6.34 11.59
CA SER A 84 28.28 -7.65 10.96
C SER A 84 28.22 -8.70 12.06
N VAL A 85 27.40 -9.70 11.86
CA VAL A 85 27.12 -10.66 12.90
C VAL A 85 27.09 -11.99 12.19
N ARG A 86 26.82 -13.05 12.93
CA ARG A 86 26.82 -14.39 12.34
C ARG A 86 25.94 -14.45 11.07
N ASP A 87 24.63 -14.21 11.18
CA ASP A 87 23.75 -14.44 10.03
C ASP A 87 23.65 -13.29 9.02
N GLY A 88 24.30 -12.15 9.27
CA GLY A 88 24.26 -11.03 8.29
C GLY A 88 24.67 -9.65 8.78
N LEU A 89 24.34 -8.64 8.00
CA LEU A 89 24.58 -7.27 8.42
C LEU A 89 23.30 -6.72 9.04
N PHE A 90 23.41 -6.25 10.28
CA PHE A 90 22.25 -5.78 11.03
C PHE A 90 22.45 -4.34 11.38
N CYS A 91 21.36 -3.60 11.46
CA CYS A 91 21.43 -2.20 11.74
C CYS A 91 20.23 -1.76 12.55
N LEU A 92 20.50 -0.79 13.40
CA LEU A 92 19.50 -0.16 14.20
C LEU A 92 19.48 1.29 13.77
N GLY A 93 18.28 1.85 13.61
CA GLY A 93 18.06 3.20 13.08
C GLY A 93 17.02 3.94 13.87
N CYS A 94 17.12 5.27 13.87
CA CYS A 94 16.26 6.12 14.68
C CYS A 94 15.45 7.07 13.78
N VAL A 95 14.18 7.25 14.11
CA VAL A 95 13.22 8.00 13.30
C VAL A 95 12.80 9.19 14.13
N THR A 96 13.43 10.32 13.88
CA THR A 96 13.35 11.49 14.76
C THR A 96 12.46 12.58 14.26
N SER A 97 12.19 12.58 12.96
CA SER A 97 11.54 13.73 12.32
C SER A 97 10.15 14.02 12.84
N PRO A 98 9.95 15.20 13.43
CA PRO A 98 8.59 15.60 13.85
C PRO A 98 7.57 15.85 12.71
N ARG A 99 8.00 16.32 11.54
CA ARG A 99 7.04 16.59 10.46
C ARG A 99 6.45 15.25 9.98
N PHE A 100 7.37 14.29 9.74
CA PHE A 100 7.02 12.89 9.40
C PHE A 100 6.13 12.27 10.46
N LEU A 101 6.65 12.15 11.67
CA LEU A 101 5.93 11.51 12.77
C LEU A 101 4.54 12.08 12.97
N GLU A 102 4.39 13.38 12.77
CA GLU A 102 3.11 14.02 12.88
C GLU A 102 2.18 13.47 11.81
N ILE A 103 2.68 13.37 10.57
CA ILE A 103 1.83 12.90 9.50
C ILE A 103 1.32 11.52 9.84
N VAL A 104 2.25 10.69 10.31
CA VAL A 104 1.97 9.32 10.69
C VAL A 104 0.96 9.29 11.82
N ARG A 105 1.17 10.10 12.83
CA ARG A 105 0.23 10.20 13.94
C ARG A 105 -1.20 10.46 13.42
N ARG A 106 -1.36 11.45 12.54
CA ARG A 106 -2.68 11.80 11.98
C ARG A 106 -3.32 10.63 11.21
N ALA A 107 -2.48 9.85 10.52
CA ALA A 107 -2.94 8.76 9.65
C ALA A 107 -3.26 7.46 10.40
N SER A 108 -2.50 7.14 11.43
CA SER A 108 -2.81 5.97 12.23
C SER A 108 -4.16 6.15 12.90
N GLU A 109 -4.46 7.41 13.19
CA GLU A 109 -5.75 7.80 13.70
C GLU A 109 -6.88 7.26 12.80
N LYS A 110 -6.64 7.18 11.49
CA LYS A 110 -7.64 6.68 10.52
C LYS A 110 -7.24 5.35 9.83
N SER A 111 -6.69 4.38 10.57
CA SER A 111 -6.28 3.08 9.97
C SER A 111 -6.82 1.86 10.72
N GLU A 112 -7.72 1.11 10.09
CA GLU A 112 -8.37 -0.04 10.73
C GLU A 112 -7.38 -1.06 11.28
N LEU A 113 -6.26 -1.21 10.60
CA LEU A 113 -5.24 -2.13 11.04
C LEU A 113 -4.71 -1.67 12.41
N VAL A 114 -4.39 -0.37 12.50
CA VAL A 114 -3.96 0.25 13.76
C VAL A 114 -4.97 0.02 14.88
N SER A 115 -6.24 0.33 14.62
CA SER A 115 -7.35 0.02 15.53
C SER A 115 -7.41 -1.44 16.02
N ARG A 116 -7.62 -2.42 15.14
CA ARG A 116 -7.55 -3.83 15.56
C ARG A 116 -6.56 -4.04 16.67
N GLY A 117 -5.38 -3.43 16.56
CA GLY A 117 -4.44 -3.35 17.67
C GLY A 117 -3.40 -4.46 17.63
N PRO A 118 -2.30 -4.27 18.37
CA PRO A 118 -1.25 -5.28 18.43
C PRO A 118 -1.70 -6.47 19.25
N VAL A 119 -0.83 -7.46 19.38
CA VAL A 119 -1.21 -8.75 19.94
C VAL A 119 -0.68 -9.02 21.38
N SER A 120 -0.96 -10.26 21.84
CA SER A 120 -0.39 -10.89 23.05
C SER A 120 -0.58 -9.97 24.23
N PRO A 121 0.53 -9.56 24.90
CA PRO A 121 0.45 -8.55 25.93
C PRO A 121 0.97 -7.17 25.53
N LEU A 122 1.32 -6.93 24.26
CA LEU A 122 1.83 -5.60 23.87
C LEU A 122 0.80 -4.51 24.04
N GLN A 123 1.25 -3.29 24.28
CA GLN A 123 0.31 -2.18 24.45
C GLN A 123 0.19 -1.37 23.18
N PRO A 124 -0.99 -0.80 22.93
CA PRO A 124 -1.17 -0.11 21.66
C PRO A 124 -0.27 1.10 21.46
N ASP A 125 0.38 1.16 20.30
CA ASP A 125 1.16 2.31 19.92
C ASP A 125 0.85 2.65 18.49
N LYS A 126 -0.15 3.51 18.29
CA LYS A 126 -0.67 3.81 16.95
C LYS A 126 0.44 4.17 15.96
N VAL A 127 1.30 5.08 16.35
CA VAL A 127 2.39 5.45 15.49
C VAL A 127 3.28 4.25 15.20
N VAL A 128 3.66 3.51 16.22
CA VAL A 128 4.57 2.43 15.99
C VAL A 128 3.90 1.41 15.09
N GLU A 129 2.60 1.22 15.24
CA GLU A 129 1.91 0.20 14.47
C GLU A 129 1.79 0.52 13.00
N PHE A 130 1.67 1.81 12.72
CA PHE A 130 1.45 2.26 11.36
C PHE A 130 2.78 2.24 10.62
N LEU A 131 3.87 2.54 11.30
CA LEU A 131 5.20 2.39 10.66
C LEU A 131 5.45 0.94 10.32
N SER A 132 5.02 0.05 11.19
CA SER A 132 5.19 -1.39 11.00
C SER A 132 4.41 -1.89 9.81
N GLY A 133 3.32 -1.20 9.47
CA GLY A 133 2.50 -1.59 8.32
C GLY A 133 3.07 -0.99 7.06
N SER A 134 3.20 0.33 7.08
CA SER A 134 3.63 1.08 5.91
C SER A 134 5.01 0.73 5.46
N TYR A 135 5.95 0.62 6.38
CA TYR A 135 7.37 0.46 6.04
C TYR A 135 7.98 -0.80 6.66
N ALA A 136 7.37 -1.93 6.33
CA ALA A 136 7.77 -3.25 6.79
C ALA A 136 9.19 -3.69 6.45
N GLY A 137 9.85 -3.01 5.50
CA GLY A 137 11.17 -3.45 5.04
C GLY A 137 12.32 -2.48 5.20
N LEU A 138 13.54 -3.01 5.09
CA LEU A 138 14.75 -2.20 5.05
C LEU A 138 15.39 -2.41 3.72
N SER A 139 16.07 -1.38 3.24
CA SER A 139 16.89 -1.47 2.05
C SER A 139 18.09 -0.56 2.16
N LEU A 140 19.24 -1.14 1.92
CA LEU A 140 20.49 -0.44 1.99
C LEU A 140 20.70 0.19 0.66
N SER A 141 21.44 1.30 0.68
CA SER A 141 21.92 1.98 -0.50
C SER A 141 23.45 1.97 -0.38
N SER A 142 24.15 1.27 -1.29
CA SER A 142 25.62 1.02 -1.18
C SER A 142 26.41 1.01 -2.50
N ARG A 143 27.60 1.60 -2.51
CA ARG A 143 28.49 1.54 -3.69
C ARG A 143 28.89 0.08 -4.02
N THR A 160 33.27 6.18 2.70
CA THR A 160 31.83 6.38 2.57
C THR A 160 31.20 5.48 1.45
N PRO A 161 31.31 4.14 1.60
CA PRO A 161 30.62 3.18 0.70
C PRO A 161 29.15 2.88 1.05
N PHE A 162 28.75 3.08 2.31
CA PHE A 162 27.33 2.95 2.70
C PHE A 162 26.65 4.28 2.45
N LYS A 163 25.79 4.34 1.44
CA LYS A 163 25.20 5.61 1.06
C LYS A 163 24.13 5.98 2.08
N HIS A 164 23.09 5.16 2.23
CA HIS A 164 22.04 5.38 3.23
C HIS A 164 21.19 4.12 3.45
N VAL A 165 20.15 4.25 4.26
CA VAL A 165 19.22 3.17 4.53
C VAL A 165 17.81 3.70 4.34
N ALA A 166 16.92 2.80 3.91
CA ALA A 166 15.60 3.22 3.48
C ALA A 166 14.52 2.39 4.11
N LEU A 167 13.63 3.05 4.82
CA LEU A 167 12.41 2.39 5.22
C LEU A 167 11.67 2.19 3.92
N CYS A 168 11.15 1.00 3.71
CA CYS A 168 10.42 0.73 2.49
C CYS A 168 9.44 -0.40 2.72
N SER A 169 8.43 -0.49 1.86
CA SER A 169 7.35 -1.41 2.10
C SER A 169 7.78 -2.88 2.01
N VAL A 170 8.75 -3.20 1.14
CA VAL A 170 9.45 -4.51 1.10
C VAL A 170 10.81 -4.32 0.51
N GLY A 171 11.83 -4.93 1.09
CA GLY A 171 13.18 -4.91 0.52
C GLY A 171 13.31 -5.91 -0.61
N ARG A 172 14.18 -5.63 -1.57
CA ARG A 172 14.49 -6.63 -2.62
C ARG A 172 15.37 -7.75 -2.11
N ARG A 173 16.18 -7.52 -1.08
CA ARG A 173 16.85 -8.62 -0.39
C ARG A 173 15.88 -9.30 0.56
N ARG A 174 16.05 -10.60 0.77
CA ARG A 174 15.17 -11.26 1.71
C ARG A 174 15.80 -11.18 3.08
N GLY A 175 14.94 -11.09 4.09
CA GLY A 175 15.33 -11.01 5.49
C GLY A 175 15.36 -9.58 6.01
N THR A 176 14.77 -8.67 5.25
CA THR A 176 14.95 -7.27 5.51
C THR A 176 13.78 -6.72 6.30
N LEU A 177 12.97 -7.61 6.86
CA LEU A 177 11.93 -7.19 7.80
C LEU A 177 12.46 -6.13 8.75
N ALA A 178 11.66 -5.07 8.91
CA ALA A 178 12.02 -3.92 9.73
C ALA A 178 11.16 -3.98 10.96
N VAL A 179 11.81 -3.96 12.12
CA VAL A 179 11.10 -3.98 13.40
C VAL A 179 11.14 -2.61 14.10
N TYR A 180 9.97 -2.03 14.33
CA TYR A 180 9.88 -0.74 15.00
C TYR A 180 9.55 -0.95 16.46
N GLY A 181 10.02 -0.01 17.28
CA GLY A 181 9.70 0.05 18.70
C GLY A 181 10.32 1.28 19.37
N ARG A 182 9.86 1.60 20.57
CA ARG A 182 10.30 2.83 21.23
C ARG A 182 11.67 2.77 21.87
N ASP A 183 12.20 1.57 22.07
CA ASP A 183 13.43 1.39 22.79
C ASP A 183 14.42 0.56 21.95
N PRO A 184 15.60 1.10 21.66
CA PRO A 184 16.63 0.36 20.95
C PRO A 184 16.89 -1.07 21.45
N GLU A 185 17.05 -1.24 22.76
CA GLU A 185 17.29 -2.57 23.33
C GLU A 185 16.17 -3.49 22.91
N TRP A 186 14.93 -3.04 23.16
CA TRP A 186 13.79 -3.91 23.07
C TRP A 186 13.76 -4.47 21.67
N VAL A 187 14.01 -3.61 20.70
CA VAL A 187 13.89 -4.02 19.31
C VAL A 187 14.98 -5.05 18.98
N THR A 188 16.22 -4.86 19.45
CA THR A 188 17.26 -5.89 19.21
C THR A 188 16.97 -7.21 19.91
N GLN A 189 16.22 -7.16 21.01
CA GLN A 189 15.80 -8.38 21.71
C GLN A 189 14.75 -9.14 20.91
N ARG A 190 14.14 -8.49 19.92
CA ARG A 190 13.16 -9.13 19.06
C ARG A 190 13.82 -10.10 18.09
N PHE A 191 15.15 -10.06 17.98
CA PHE A 191 15.86 -10.80 16.96
C PHE A 191 16.68 -11.95 17.55
N PRO A 192 16.13 -13.18 17.52
CA PRO A 192 16.79 -14.40 17.95
C PRO A 192 18.23 -14.59 17.56
N ASP A 193 18.57 -14.47 16.29
CA ASP A 193 19.96 -14.67 15.86
C ASP A 193 21.02 -13.84 16.62
N LEU A 194 20.60 -12.77 17.28
CA LEU A 194 21.55 -11.90 17.98
C LEU A 194 22.02 -12.41 19.35
N THR A 195 23.26 -12.06 19.65
CA THR A 195 23.96 -12.54 20.84
C THR A 195 24.48 -11.33 21.61
N ALA A 196 24.74 -11.49 22.91
CA ALA A 196 25.13 -10.34 23.73
C ALA A 196 26.31 -9.57 23.16
N ALA A 197 27.27 -10.27 22.54
CA ALA A 197 28.48 -9.63 22.02
C ALA A 197 28.10 -8.69 20.89
N ASP A 198 27.21 -9.19 20.03
CA ASP A 198 26.62 -8.39 18.94
C ASP A 198 25.86 -7.16 19.49
N ARG A 199 25.05 -7.33 20.54
CA ARG A 199 24.32 -6.20 21.15
C ARG A 199 25.23 -5.19 21.84
N ASP A 200 26.36 -5.65 22.36
CA ASP A 200 27.31 -4.76 23.02
C ASP A 200 27.95 -3.84 21.99
N GLY A 201 28.23 -4.40 20.82
CA GLY A 201 28.73 -3.60 19.69
C GLY A 201 27.68 -2.62 19.19
N LEU A 202 26.42 -3.06 19.19
CA LEU A 202 25.32 -2.18 18.79
C LEU A 202 25.16 -1.04 19.78
N ARG A 203 25.01 -1.40 21.06
CA ARG A 203 24.76 -0.42 22.10
C ARG A 203 25.88 0.61 22.16
N ALA A 204 27.10 0.13 21.95
CA ALA A 204 28.26 1.00 21.93
C ALA A 204 28.20 2.05 20.83
N GLN A 205 27.26 1.91 19.88
CA GLN A 205 27.07 2.91 18.82
C GLN A 205 25.92 3.87 19.10
N TRP A 206 24.83 3.41 19.72
CA TRP A 206 23.83 4.38 20.24
C TRP A 206 24.19 4.88 21.66
N GLN A 207 25.26 5.67 21.71
CA GLN A 207 25.41 6.77 22.68
C GLN A 207 26.18 7.87 21.92
N ARG A 208 25.56 8.38 20.86
CA ARG A 208 26.12 9.40 19.97
C ARG A 208 25.25 10.68 20.02
N SER A 217 16.27 19.02 15.71
CA SER A 217 17.67 19.48 15.76
C SER A 217 18.26 19.63 14.34
N GLY A 218 17.44 20.18 13.44
CA GLY A 218 17.65 20.11 12.01
C GLY A 218 16.71 19.08 11.41
N ASP A 219 15.39 19.26 11.61
CA ASP A 219 14.37 18.37 11.02
C ASP A 219 14.51 18.23 9.50
N PRO A 220 15.02 17.08 9.05
CA PRO A 220 15.46 16.96 7.68
C PRO A 220 14.40 16.55 6.70
N PHE A 221 13.19 16.26 7.17
CA PHE A 221 12.11 15.78 6.27
C PHE A 221 11.64 16.91 5.32
N ARG A 222 11.54 16.64 4.01
CA ARG A 222 11.11 17.67 3.04
C ARG A 222 10.07 17.14 2.07
N SER A 223 8.91 16.80 2.60
CA SER A 223 7.86 16.15 1.82
C SER A 223 6.58 16.27 2.61
N ASP A 224 5.57 15.47 2.28
CA ASP A 224 4.25 15.63 2.87
C ASP A 224 3.39 14.35 2.74
N SER A 225 2.14 14.41 3.20
CA SER A 225 1.27 13.24 3.19
C SER A 225 1.00 12.78 1.77
N TYR A 226 0.96 13.75 0.88
CA TYR A 226 0.72 13.47 -0.52
C TYR A 226 1.82 12.57 -1.05
N GLY A 227 3.07 12.91 -0.72
CA GLY A 227 4.22 12.09 -1.09
C GLY A 227 4.03 10.66 -0.68
N LEU A 228 3.69 10.47 0.59
CA LEU A 228 3.56 9.14 1.16
C LEU A 228 2.30 8.45 0.62
N LEU A 229 1.29 9.23 0.31
CA LEU A 229 0.07 8.67 -0.25
C LEU A 229 0.42 7.99 -1.59
N GLY A 230 1.11 8.72 -2.44
CA GLY A 230 1.44 8.23 -3.75
C GLY A 230 2.36 7.02 -3.71
N ASN A 231 3.25 7.03 -2.73
CA ASN A 231 4.25 5.99 -2.60
C ASN A 231 3.64 4.72 -2.04
N SER A 232 2.51 4.85 -1.35
CA SER A 232 1.87 3.70 -0.75
C SER A 232 1.22 2.90 -1.84
N VAL A 233 0.48 3.55 -2.72
CA VAL A 233 -0.19 2.75 -3.73
C VAL A 233 0.79 2.17 -4.74
N ASP A 234 2.01 2.67 -4.79
CA ASP A 234 3.08 1.93 -5.48
C ASP A 234 3.22 0.54 -4.83
N ALA A 235 3.46 0.51 -3.53
CA ALA A 235 3.65 -0.74 -2.79
C ALA A 235 2.55 -1.78 -3.05
N LEU A 236 1.35 -1.31 -3.29
CA LEU A 236 0.26 -2.22 -3.57
C LEU A 236 0.56 -3.19 -4.71
N TYR A 237 1.45 -2.84 -5.64
CA TYR A 237 1.67 -3.64 -6.86
C TYR A 237 3.07 -4.24 -6.93
N ILE A 238 3.74 -4.30 -5.79
CA ILE A 238 4.91 -5.12 -5.68
C ILE A 238 4.40 -6.55 -5.50
N ARG A 239 4.85 -7.46 -6.36
CA ARG A 239 4.25 -8.80 -6.45
C ARG A 239 4.84 -9.73 -5.42
N GLU A 240 4.02 -10.63 -4.89
CA GLU A 240 4.41 -11.58 -3.86
C GLU A 240 4.96 -10.83 -2.61
N ARG A 241 4.30 -9.72 -2.27
CA ARG A 241 4.79 -8.82 -1.22
C ARG A 241 4.58 -9.40 0.18
N LEU A 242 3.32 -9.70 0.48
CA LEU A 242 2.99 -10.29 1.79
C LEU A 242 3.67 -11.65 2.00
N PRO A 243 3.63 -12.53 0.98
CA PRO A 243 4.41 -13.76 0.99
C PRO A 243 5.87 -13.54 1.32
N LYS A 244 6.45 -12.50 0.76
CA LYS A 244 7.87 -12.24 0.92
C LYS A 244 8.18 -11.74 2.31
N LEU A 245 7.30 -10.89 2.83
CA LEU A 245 7.44 -10.37 4.19
C LEU A 245 7.39 -11.50 5.23
N ARG A 246 6.46 -12.43 5.03
CA ARG A 246 6.32 -13.61 5.88
C ARG A 246 7.56 -14.52 5.81
N TYR A 247 8.10 -14.69 4.63
CA TYR A 247 9.36 -15.42 4.52
C TYR A 247 10.39 -14.70 5.43
N ASP A 248 10.47 -13.38 5.32
CA ASP A 248 11.43 -12.61 6.10
C ASP A 248 11.24 -12.85 7.60
N LYS A 249 9.97 -12.80 8.04
CA LYS A 249 9.60 -13.04 9.46
C LYS A 249 10.15 -14.32 10.09
N GLN A 250 9.90 -15.45 9.41
CA GLN A 250 10.32 -16.74 9.92
C GLN A 250 11.83 -16.89 9.87
N LEU A 251 12.44 -16.29 8.86
CA LEU A 251 13.88 -16.39 8.73
C LEU A 251 14.59 -15.83 9.93
N VAL A 252 14.23 -14.62 10.33
CA VAL A 252 15.03 -13.88 11.33
C VAL A 252 14.60 -14.13 12.77
N GLY A 253 13.47 -14.81 12.94
CA GLY A 253 13.03 -15.28 14.24
C GLY A 253 11.81 -14.54 14.71
N VAL A 254 11.60 -13.33 14.18
CA VAL A 254 10.58 -12.47 14.71
C VAL A 254 9.21 -13.10 14.50
N THR A 255 8.80 -13.95 15.45
CA THR A 255 7.53 -14.70 15.35
C THR A 255 6.24 -13.82 15.42
N GLU A 256 6.37 -12.51 15.67
CA GLU A 256 5.25 -11.53 15.69
C GLU A 256 4.29 -11.60 16.91
N ARG A 257 4.42 -12.64 17.75
CA ARG A 257 3.71 -12.74 19.05
C ARG A 257 4.57 -12.13 20.19
N GLU A 258 5.61 -11.42 19.78
CA GLU A 258 6.51 -10.74 20.66
C GLU A 258 6.90 -9.36 20.04
N SER A 259 6.07 -8.80 19.15
CA SER A 259 6.45 -7.59 18.39
C SER A 259 5.32 -6.89 17.62
N TYR A 260 5.56 -5.65 17.19
CA TYR A 260 4.57 -4.85 16.45
C TYR A 260 4.48 -5.17 14.92
N VAL A 261 5.20 -6.16 14.44
CA VAL A 261 5.16 -6.46 13.03
C VAL A 261 3.75 -6.86 12.66
N LYS A 262 3.29 -6.45 11.48
CA LYS A 262 1.92 -6.74 11.04
C LYS A 262 1.84 -7.79 9.95
N ALA A 263 2.97 -8.25 9.42
CA ALA A 263 3.01 -9.26 8.37
C ALA A 263 2.35 -10.63 8.75
N THR B 19 -14.03 18.26 -13.99
CA THR B 19 -13.62 17.12 -14.88
C THR B 19 -13.66 15.80 -14.10
N PRO B 20 -14.86 15.23 -13.92
CA PRO B 20 -15.06 14.00 -13.14
C PRO B 20 -14.50 12.76 -13.81
N VAL B 21 -14.62 11.63 -13.13
CA VAL B 21 -14.10 10.38 -13.63
C VAL B 21 -15.15 9.32 -13.42
N TYR B 22 -15.43 8.57 -14.46
CA TYR B 22 -16.34 7.49 -14.32
C TYR B 22 -15.57 6.27 -13.94
N VAL B 23 -16.28 5.30 -13.38
CA VAL B 23 -15.74 4.01 -13.02
C VAL B 23 -16.84 3.02 -13.26
N GLY B 24 -16.50 1.87 -13.78
CA GLY B 24 -17.50 0.86 -13.99
C GLY B 24 -16.91 -0.48 -13.66
N GLY B 25 -17.80 -1.40 -13.33
CA GLY B 25 -17.45 -2.80 -13.14
C GLY B 25 -18.65 -3.61 -12.73
N PHE B 26 -18.40 -4.89 -12.47
CA PHE B 26 -19.39 -5.79 -11.93
C PHE B 26 -19.37 -5.66 -10.40
N LEU B 27 -20.54 -5.51 -9.77
CA LEU B 27 -20.67 -5.60 -8.30
C LEU B 27 -20.83 -7.04 -7.76
N ALA B 28 -21.40 -7.93 -8.55
CA ALA B 28 -21.67 -9.31 -8.15
C ALA B 28 -21.56 -10.19 -9.36
N ARG B 29 -20.92 -11.34 -9.20
CA ARG B 29 -20.59 -12.15 -10.35
C ARG B 29 -21.23 -13.57 -10.25
N TYR B 30 -22.38 -13.74 -10.90
CA TYR B 30 -23.14 -15.01 -10.88
C TYR B 30 -22.24 -16.20 -11.22
N ASP B 31 -21.42 -16.03 -12.24
CA ASP B 31 -20.35 -16.98 -12.60
C ASP B 31 -19.62 -17.68 -11.40
N GLN B 32 -19.47 -16.98 -10.26
CA GLN B 32 -18.59 -17.40 -9.15
C GLN B 32 -19.35 -17.87 -7.92
N SER B 33 -18.92 -18.98 -7.32
CA SER B 33 -19.47 -19.39 -6.02
C SER B 33 -18.68 -18.76 -4.87
N PRO B 34 -19.38 -18.01 -3.98
CA PRO B 34 -18.77 -17.44 -2.78
C PRO B 34 -18.19 -18.44 -1.73
N ASP B 35 -17.77 -17.87 -0.60
CA ASP B 35 -17.67 -18.56 0.67
C ASP B 35 -18.44 -17.63 1.68
N GLU B 36 -19.71 -17.34 1.35
CA GLU B 36 -20.52 -16.28 2.01
C GLU B 36 -21.88 -16.77 2.47
N ARG B 43 -29.50 -13.38 -8.93
CA ARG B 43 -30.07 -12.90 -10.21
C ARG B 43 -31.53 -12.50 -10.01
N ASP B 44 -32.24 -13.36 -9.27
CA ASP B 44 -33.61 -13.11 -8.84
C ASP B 44 -33.63 -11.96 -7.83
N VAL B 45 -32.61 -11.93 -6.98
CA VAL B 45 -32.55 -11.02 -5.84
C VAL B 45 -32.44 -9.56 -6.29
N VAL B 46 -31.79 -9.39 -7.45
CA VAL B 46 -31.27 -8.11 -7.92
C VAL B 46 -32.29 -7.38 -8.79
N GLU B 47 -32.83 -8.12 -9.77
CA GLU B 47 -33.81 -7.59 -10.71
C GLU B 47 -35.08 -7.19 -9.96
N HIS B 48 -35.48 -8.03 -8.99
CA HIS B 48 -36.55 -7.69 -8.05
C HIS B 48 -36.18 -6.44 -7.25
N TRP B 49 -34.98 -6.47 -6.66
CA TRP B 49 -34.46 -5.37 -5.85
C TRP B 49 -34.43 -3.97 -6.52
N LEU B 50 -34.73 -3.88 -7.82
CA LEU B 50 -34.76 -2.60 -8.55
C LEU B 50 -36.08 -1.79 -8.41
N HIS B 51 -37.10 -2.12 -9.20
CA HIS B 51 -38.34 -1.31 -9.31
C HIS B 51 -39.14 -1.28 -8.01
N ALA B 63 -29.74 8.94 -6.51
CA ALA B 63 -28.82 9.59 -5.57
C ALA B 63 -27.92 8.58 -4.82
N LEU B 64 -28.03 7.29 -5.17
CA LEU B 64 -27.24 6.23 -4.52
C LEU B 64 -25.75 6.66 -4.49
N PRO B 65 -25.18 6.86 -3.28
CA PRO B 65 -23.85 7.44 -3.25
C PRO B 65 -22.70 6.42 -3.36
N LEU B 66 -21.48 6.95 -3.47
CA LEU B 66 -20.26 6.20 -3.76
C LEU B 66 -19.08 6.75 -2.97
N ASN B 67 -18.44 5.90 -2.18
CA ASN B 67 -17.43 6.35 -1.25
C ASN B 67 -16.18 5.48 -1.29
N ILE B 68 -15.20 5.91 -0.51
CA ILE B 68 -13.95 5.17 -0.36
C ILE B 68 -14.10 4.16 0.77
N ASN B 69 -14.09 2.88 0.42
CA ASN B 69 -13.81 1.81 1.36
C ASN B 69 -14.88 1.71 2.42
N HIS B 70 -16.08 2.25 2.12
CA HIS B 70 -17.32 2.19 2.96
C HIS B 70 -17.37 3.15 4.14
N ASP B 71 -16.96 4.39 3.96
CA ASP B 71 -16.76 5.31 5.06
C ASP B 71 -17.46 6.61 4.75
N ASP B 72 -18.67 6.79 5.25
CA ASP B 72 -19.52 7.95 4.87
C ASP B 72 -18.91 9.35 5.12
N THR B 73 -17.73 9.43 5.73
CA THR B 73 -16.99 10.71 5.78
C THR B 73 -16.11 10.89 4.52
N ALA B 74 -16.26 10.01 3.54
CA ALA B 74 -15.40 9.91 2.36
C ALA B 74 -16.24 9.60 1.10
N VAL B 75 -17.27 10.42 0.88
CA VAL B 75 -18.09 10.31 -0.31
C VAL B 75 -17.45 11.15 -1.40
N VAL B 76 -17.19 10.52 -2.55
CA VAL B 76 -16.47 11.14 -3.67
C VAL B 76 -17.42 11.47 -4.80
N GLY B 77 -18.48 10.67 -4.93
CA GLY B 77 -19.54 10.93 -5.92
C GLY B 77 -20.61 9.86 -5.87
N HIS B 78 -21.32 9.66 -6.97
CA HIS B 78 -22.53 8.84 -6.97
C HIS B 78 -22.46 7.69 -7.94
N VAL B 79 -23.27 6.64 -7.68
CA VAL B 79 -23.68 5.71 -8.74
C VAL B 79 -24.46 6.50 -9.80
N ALA B 80 -24.30 6.12 -11.06
CA ALA B 80 -25.08 6.71 -12.12
C ALA B 80 -25.82 5.65 -12.93
N ALA B 81 -25.67 4.37 -12.58
CA ALA B 81 -26.42 3.31 -13.25
C ALA B 81 -26.15 1.92 -12.67
N MET B 82 -27.21 1.12 -12.52
CA MET B 82 -27.06 -0.31 -12.29
C MET B 82 -27.83 -1.04 -13.41
N GLN B 83 -27.56 -2.33 -13.54
CA GLN B 83 -28.07 -3.12 -14.65
C GLN B 83 -27.65 -4.57 -14.47
N SER B 84 -28.56 -5.50 -14.69
CA SER B 84 -28.24 -6.92 -14.59
C SER B 84 -28.12 -7.50 -15.98
N VAL B 85 -27.21 -8.44 -16.15
CA VAL B 85 -26.89 -8.98 -17.47
C VAL B 85 -26.54 -10.46 -17.42
N ARG B 86 -26.35 -11.07 -18.59
CA ARG B 86 -25.94 -12.49 -18.74
C ARG B 86 -24.95 -13.05 -17.70
N ASP B 87 -24.11 -12.23 -17.09
CA ASP B 87 -23.09 -12.74 -16.17
C ASP B 87 -23.05 -12.15 -14.73
N GLY B 88 -23.74 -11.03 -14.48
CA GLY B 88 -23.74 -10.44 -13.15
C GLY B 88 -24.56 -9.15 -13.02
N LEU B 89 -24.39 -8.48 -11.88
CA LEU B 89 -24.88 -7.11 -11.73
C LEU B 89 -23.73 -6.21 -12.20
N PHE B 90 -24.04 -5.23 -13.04
CA PHE B 90 -23.03 -4.28 -13.49
C PHE B 90 -23.40 -2.88 -13.06
N CYS B 91 -22.39 -2.10 -12.70
CA CYS B 91 -22.58 -0.79 -12.11
C CYS B 91 -21.72 0.25 -12.80
N LEU B 92 -22.20 1.50 -12.81
CA LEU B 92 -21.47 2.60 -13.41
C LEU B 92 -21.67 3.81 -12.54
N GLY B 93 -20.56 4.29 -11.97
CA GLY B 93 -20.61 5.39 -11.02
C GLY B 93 -19.68 6.49 -11.44
N CYS B 94 -19.95 7.67 -10.91
CA CYS B 94 -19.24 8.88 -11.26
C CYS B 94 -18.49 9.41 -10.04
N VAL B 95 -17.29 9.96 -10.24
CA VAL B 95 -16.43 10.45 -9.15
C VAL B 95 -16.26 11.95 -9.31
N THR B 96 -16.89 12.71 -8.42
CA THR B 96 -17.11 14.14 -8.67
C THR B 96 -16.38 15.14 -7.74
N SER B 97 -15.98 14.70 -6.55
CA SER B 97 -15.50 15.59 -5.47
C SER B 97 -14.25 16.40 -5.79
N PRO B 98 -14.38 17.73 -5.86
CA PRO B 98 -13.19 18.58 -6.03
C PRO B 98 -12.03 18.36 -5.03
N ARG B 99 -12.30 18.10 -3.75
CA ARG B 99 -11.19 17.94 -2.77
C ARG B 99 -10.52 16.58 -2.96
N PHE B 100 -11.34 15.56 -3.16
CA PHE B 100 -10.85 14.23 -3.39
C PHE B 100 -9.97 14.16 -4.64
N LEU B 101 -10.50 14.63 -5.76
CA LEU B 101 -9.73 14.64 -7.00
C LEU B 101 -8.45 15.45 -6.85
N GLU B 102 -8.47 16.48 -6.00
CA GLU B 102 -7.25 17.27 -5.81
C GLU B 102 -6.19 16.45 -5.08
N ILE B 103 -6.60 15.65 -4.10
CA ILE B 103 -5.63 14.82 -3.40
C ILE B 103 -4.98 13.91 -4.44
N VAL B 104 -5.84 13.21 -5.16
CA VAL B 104 -5.45 12.25 -6.18
C VAL B 104 -4.48 12.86 -7.18
N ARG B 105 -4.78 14.06 -7.65
CA ARG B 105 -3.85 14.73 -8.52
C ARG B 105 -2.50 14.91 -7.81
N ARG B 106 -2.51 15.48 -6.60
CA ARG B 106 -1.24 15.74 -5.90
C ARG B 106 -0.53 14.43 -5.64
N ALA B 107 -1.26 13.46 -5.12
CA ALA B 107 -0.67 12.19 -4.79
C ALA B 107 -0.15 11.49 -6.05
N SER B 108 -0.84 11.63 -7.18
CA SER B 108 -0.40 10.98 -8.41
C SER B 108 0.92 11.55 -8.89
N GLU B 109 1.16 12.82 -8.56
CA GLU B 109 2.41 13.47 -8.97
C GLU B 109 3.63 12.83 -8.31
N LYS B 110 3.45 12.06 -7.24
CA LYS B 110 4.57 11.45 -6.50
C LYS B 110 4.52 9.91 -6.51
N SER B 111 4.07 9.31 -7.60
CA SER B 111 3.94 7.87 -7.69
C SER B 111 4.68 7.35 -8.89
N GLU B 112 5.55 6.38 -8.67
CA GLU B 112 6.35 5.75 -9.72
C GLU B 112 5.44 5.07 -10.73
N LEU B 113 4.53 4.28 -10.20
CA LEU B 113 3.59 3.57 -11.02
C LEU B 113 2.89 4.51 -11.95
N VAL B 114 2.53 5.67 -11.46
CA VAL B 114 1.78 6.56 -12.31
C VAL B 114 2.73 7.03 -13.38
N SER B 115 3.82 7.66 -12.98
CA SER B 115 4.95 8.04 -13.86
C SER B 115 5.35 7.08 -15.02
N ARG B 116 5.19 5.78 -14.82
CA ARG B 116 5.47 4.81 -15.88
C ARG B 116 4.40 4.78 -16.94
N GLY B 117 3.32 5.51 -16.72
CA GLY B 117 2.25 5.62 -17.68
C GLY B 117 1.50 4.32 -17.91
N PRO B 118 0.50 4.36 -18.78
CA PRO B 118 -0.27 3.22 -19.17
C PRO B 118 0.33 2.68 -20.44
N VAL B 119 -0.39 1.78 -21.10
CA VAL B 119 0.15 0.94 -22.16
C VAL B 119 -0.32 1.27 -23.58
N SER B 120 0.17 0.47 -24.52
CA SER B 120 -0.40 0.33 -25.86
C SER B 120 -0.45 1.74 -26.37
N PRO B 121 -1.64 2.18 -26.90
CA PRO B 121 -1.74 3.53 -27.38
C PRO B 121 -2.45 4.43 -26.38
N LEU B 122 -2.89 3.90 -25.24
CA LEU B 122 -3.55 4.74 -24.22
C LEU B 122 -2.69 5.94 -23.83
N GLN B 123 -3.33 7.07 -23.56
CA GLN B 123 -2.55 8.25 -23.23
C GLN B 123 -2.55 8.47 -21.75
N PRO B 124 -1.43 9.00 -21.24
CA PRO B 124 -1.26 9.37 -19.85
C PRO B 124 -2.46 10.11 -19.26
N ASP B 125 -2.88 9.68 -18.08
CA ASP B 125 -3.90 10.34 -17.30
C ASP B 125 -3.60 10.03 -15.83
N LYS B 126 -2.92 10.97 -15.17
CA LYS B 126 -2.36 10.69 -13.85
C LYS B 126 -3.47 10.37 -12.88
N VAL B 127 -4.56 11.10 -12.98
CA VAL B 127 -5.65 10.88 -12.06
C VAL B 127 -6.36 9.55 -12.31
N VAL B 128 -6.68 9.25 -13.55
CA VAL B 128 -7.38 8.01 -13.84
C VAL B 128 -6.49 6.81 -13.50
N GLU B 129 -5.17 6.96 -13.65
CA GLU B 129 -4.25 5.84 -13.39
C GLU B 129 -4.08 5.63 -11.90
N PHE B 130 -3.98 6.71 -11.13
CA PHE B 130 -3.79 6.58 -9.68
C PHE B 130 -5.03 6.00 -8.99
N LEU B 131 -6.23 6.31 -9.48
CA LEU B 131 -7.43 5.68 -8.95
C LEU B 131 -7.38 4.21 -9.31
N SER B 132 -7.21 3.93 -10.59
CA SER B 132 -7.10 2.55 -11.04
C SER B 132 -6.16 1.71 -10.16
N GLY B 133 -5.07 2.32 -9.67
CA GLY B 133 -4.17 1.61 -8.77
C GLY B 133 -4.70 1.48 -7.36
N SER B 134 -5.15 2.61 -6.81
CA SER B 134 -5.53 2.73 -5.39
C SER B 134 -6.74 1.91 -5.13
N TYR B 135 -7.78 2.23 -5.85
CA TYR B 135 -9.09 1.66 -5.61
C TYR B 135 -9.53 0.72 -6.73
N ALA B 136 -8.78 -0.37 -6.87
CA ALA B 136 -8.97 -1.34 -7.96
C ALA B 136 -10.24 -2.19 -7.88
N GLY B 137 -11.00 -2.08 -6.80
CA GLY B 137 -12.13 -2.98 -6.54
C GLY B 137 -13.43 -2.24 -6.31
N LEU B 138 -14.54 -2.97 -6.42
CA LEU B 138 -15.88 -2.42 -6.27
C LEU B 138 -16.70 -3.23 -5.25
N SER B 139 -17.61 -2.57 -4.53
CA SER B 139 -18.52 -3.30 -3.64
C SER B 139 -19.80 -2.59 -3.22
N LEU B 140 -20.91 -3.34 -3.23
CA LEU B 140 -22.26 -2.84 -2.85
C LEU B 140 -22.51 -3.20 -1.40
N SER B 141 -23.53 -2.57 -0.81
CA SER B 141 -24.04 -2.97 0.51
C SER B 141 -25.58 -3.02 0.54
N THR B 160 -34.69 1.21 -0.83
CA THR B 160 -34.21 0.06 -1.61
C THR B 160 -33.31 -0.83 -0.73
N PRO B 161 -33.03 -2.08 -1.18
CA PRO B 161 -31.98 -2.89 -0.53
C PRO B 161 -30.55 -2.35 -0.79
N PHE B 162 -30.37 -1.63 -1.90
CA PHE B 162 -29.07 -1.08 -2.31
C PHE B 162 -28.71 0.16 -1.49
N LYS B 163 -27.69 0.04 -0.65
CA LYS B 163 -27.34 1.08 0.32
C LYS B 163 -26.38 2.09 -0.31
N HIS B 164 -25.18 1.62 -0.64
CA HIS B 164 -24.25 2.41 -1.46
C HIS B 164 -23.21 1.55 -2.17
N VAL B 165 -22.45 2.18 -3.06
CA VAL B 165 -21.33 1.54 -3.71
C VAL B 165 -20.02 2.12 -3.19
N ALA B 166 -19.06 1.22 -2.98
CA ALA B 166 -17.79 1.63 -2.43
C ALA B 166 -16.67 1.23 -3.36
N LEU B 167 -15.80 2.21 -3.58
CA LEU B 167 -14.55 1.97 -4.23
C LEU B 167 -13.65 1.42 -3.13
N CYS B 168 -12.99 0.31 -3.36
CA CYS B 168 -12.05 -0.23 -2.39
C CYS B 168 -10.79 -0.80 -3.06
N SER B 169 -9.80 -1.23 -2.30
CA SER B 169 -8.54 -1.66 -2.90
C SER B 169 -8.69 -2.97 -3.65
N VAL B 170 -9.69 -3.74 -3.22
CA VAL B 170 -9.97 -5.08 -3.75
C VAL B 170 -11.25 -5.56 -3.08
N GLY B 171 -12.13 -6.17 -3.87
CA GLY B 171 -13.52 -6.35 -3.46
C GLY B 171 -13.78 -7.61 -2.68
N ARG B 172 -14.89 -7.63 -1.96
CA ARG B 172 -15.29 -8.77 -1.11
C ARG B 172 -15.74 -9.98 -1.98
N ARG B 173 -16.81 -9.76 -2.74
CA ARG B 173 -17.28 -10.70 -3.77
C ARG B 173 -16.29 -10.72 -4.96
N ARG B 174 -15.77 -11.90 -5.34
CA ARG B 174 -14.84 -12.01 -6.49
C ARG B 174 -15.41 -11.54 -7.85
N GLY B 175 -14.51 -11.15 -8.76
CA GLY B 175 -14.87 -10.64 -10.11
C GLY B 175 -15.42 -9.21 -10.19
N THR B 176 -14.83 -8.30 -9.44
CA THR B 176 -15.46 -7.01 -9.18
C THR B 176 -14.49 -5.84 -9.49
N LEU B 177 -13.58 -6.10 -10.42
CA LEU B 177 -12.55 -5.15 -10.84
C LEU B 177 -13.12 -3.81 -11.27
N ALA B 178 -12.51 -2.72 -10.79
CA ALA B 178 -12.99 -1.37 -11.08
C ALA B 178 -12.23 -0.80 -12.23
N VAL B 179 -12.96 -0.45 -13.30
CA VAL B 179 -12.39 0.22 -14.46
C VAL B 179 -12.69 1.70 -14.45
N TYR B 180 -11.64 2.50 -14.32
CA TYR B 180 -11.78 3.97 -14.40
C TYR B 180 -11.57 4.47 -15.83
N GLY B 181 -11.94 5.74 -16.05
CA GLY B 181 -11.84 6.38 -17.36
C GLY B 181 -12.62 7.69 -17.41
N ARG B 182 -12.35 8.52 -18.40
CA ARG B 182 -13.02 9.81 -18.50
C ARG B 182 -14.41 9.76 -19.20
N ASP B 183 -14.71 8.65 -19.87
CA ASP B 183 -15.94 8.49 -20.71
C ASP B 183 -16.72 7.20 -20.35
N PRO B 184 -18.01 7.35 -20.02
CA PRO B 184 -18.79 6.17 -19.64
C PRO B 184 -18.89 5.12 -20.74
N GLU B 185 -19.09 5.56 -21.98
CA GLU B 185 -19.17 4.61 -23.09
C GLU B 185 -17.88 3.81 -23.19
N TRP B 186 -16.76 4.52 -23.11
CA TRP B 186 -15.45 3.91 -23.11
C TRP B 186 -15.27 2.85 -22.04
N VAL B 187 -15.73 3.11 -20.81
CA VAL B 187 -15.57 2.10 -19.73
C VAL B 187 -16.44 0.87 -19.90
N THR B 188 -17.67 1.05 -20.38
CA THR B 188 -18.53 -0.10 -20.70
C THR B 188 -17.86 -0.89 -21.81
N GLN B 189 -17.31 -0.19 -22.82
CA GLN B 189 -16.61 -0.87 -23.92
C GLN B 189 -15.34 -1.63 -23.52
N ARG B 190 -15.02 -1.63 -22.24
CA ARG B 190 -13.87 -2.34 -21.74
C ARG B 190 -14.21 -3.79 -21.44
N PHE B 191 -15.47 -4.07 -21.17
CA PHE B 191 -15.91 -5.40 -20.73
C PHE B 191 -16.55 -6.28 -21.85
N PRO B 192 -15.81 -7.28 -22.37
CA PRO B 192 -16.31 -8.06 -23.51
C PRO B 192 -17.65 -8.75 -23.30
N ASP B 193 -17.95 -9.22 -22.09
CA ASP B 193 -19.21 -9.94 -21.82
C ASP B 193 -20.46 -9.08 -22.04
N LEU B 194 -20.32 -7.76 -21.93
CA LEU B 194 -21.44 -6.86 -22.19
C LEU B 194 -21.85 -6.86 -23.65
N THR B 195 -23.07 -6.35 -23.87
CA THR B 195 -23.68 -6.24 -25.17
C THR B 195 -24.24 -4.81 -25.28
N ALA B 196 -24.62 -4.42 -26.50
CA ALA B 196 -25.03 -3.05 -26.78
C ALA B 196 -26.47 -2.81 -26.33
N ALA B 197 -27.24 -3.88 -26.20
CA ALA B 197 -28.56 -3.79 -25.56
C ALA B 197 -28.41 -3.47 -24.08
N ASP B 198 -27.33 -3.97 -23.48
CA ASP B 198 -27.04 -3.76 -22.05
C ASP B 198 -26.52 -2.36 -21.83
N ARG B 199 -25.61 -1.94 -22.69
CA ARG B 199 -25.15 -0.56 -22.72
C ARG B 199 -26.31 0.41 -22.95
N ASP B 200 -27.40 -0.06 -23.57
CA ASP B 200 -28.61 0.75 -23.70
C ASP B 200 -29.24 0.94 -22.33
N GLY B 201 -29.29 -0.14 -21.54
CA GLY B 201 -29.74 -0.10 -20.15
C GLY B 201 -28.96 0.87 -19.28
N LEU B 202 -27.64 0.88 -19.47
CA LEU B 202 -26.73 1.77 -18.73
C LEU B 202 -26.83 3.24 -19.20
N ARG B 203 -26.76 3.47 -20.51
CA ARG B 203 -26.79 4.83 -21.09
C ARG B 203 -28.11 5.54 -20.82
N ALA B 204 -29.18 4.76 -20.70
CA ALA B 204 -30.50 5.26 -20.31
C ALA B 204 -30.43 5.99 -18.98
N GLN B 205 -29.67 5.41 -18.03
CA GLN B 205 -29.52 6.01 -16.70
C GLN B 205 -28.52 7.19 -16.71
N TRP B 206 -27.30 6.98 -17.22
CA TRP B 206 -26.29 8.06 -17.21
C TRP B 206 -26.53 9.20 -18.23
N GLN B 207 -27.14 8.90 -19.39
CA GLN B 207 -27.34 9.93 -20.43
C GLN B 207 -28.57 10.76 -20.11
N SER B 217 -26.28 18.99 -3.45
CA SER B 217 -25.17 18.45 -2.67
C SER B 217 -24.09 19.50 -2.32
N GLY B 218 -23.13 19.72 -3.22
CA GLY B 218 -21.84 20.37 -2.90
C GLY B 218 -20.75 19.31 -2.94
N ASP B 219 -19.66 19.49 -2.19
CA ASP B 219 -18.60 18.46 -2.09
C ASP B 219 -18.75 17.64 -0.80
N PRO B 220 -19.19 16.37 -0.91
CA PRO B 220 -19.53 15.54 0.26
C PRO B 220 -18.35 14.81 0.90
N PHE B 221 -17.17 15.41 0.86
CA PHE B 221 -15.96 14.68 1.19
C PHE B 221 -15.38 15.16 2.51
N ARG B 222 -15.77 14.52 3.60
CA ARG B 222 -15.26 14.92 4.92
C ARG B 222 -13.73 14.74 5.07
N SER B 223 -13.22 13.55 4.75
CA SER B 223 -11.80 13.15 5.03
C SER B 223 -10.76 13.96 4.25
N ASP B 224 -9.48 13.61 4.46
CA ASP B 224 -8.34 14.24 3.79
C ASP B 224 -7.23 13.21 3.44
N SER B 225 -6.12 13.67 2.88
CA SER B 225 -4.98 12.78 2.59
C SER B 225 -4.71 11.82 3.70
N TYR B 226 -4.71 12.31 4.92
CA TYR B 226 -4.33 11.48 6.07
C TYR B 226 -5.28 10.30 6.16
N GLY B 227 -6.57 10.53 6.02
CA GLY B 227 -7.49 9.42 6.02
C GLY B 227 -7.10 8.42 4.95
N LEU B 228 -6.92 8.93 3.75
CA LEU B 228 -6.64 8.07 2.62
C LEU B 228 -5.33 7.35 2.88
N LEU B 229 -4.37 8.06 3.47
CA LEU B 229 -3.05 7.50 3.72
C LEU B 229 -3.20 6.28 4.63
N GLY B 230 -4.11 6.39 5.59
CA GLY B 230 -4.34 5.32 6.56
C GLY B 230 -5.17 4.18 6.01
N ASN B 231 -6.20 4.52 5.26
CA ASN B 231 -7.01 3.52 4.58
C ASN B 231 -6.13 2.71 3.59
N SER B 232 -5.09 3.35 3.06
CA SER B 232 -4.20 2.75 2.06
C SER B 232 -3.38 1.60 2.59
N VAL B 233 -2.82 1.75 3.79
CA VAL B 233 -1.92 0.72 4.36
C VAL B 233 -2.63 -0.43 5.08
N ASP B 234 -3.93 -0.28 5.33
CA ASP B 234 -4.80 -1.43 5.62
C ASP B 234 -4.73 -2.35 4.40
N ALA B 235 -5.11 -1.81 3.24
CA ALA B 235 -5.05 -2.53 1.98
C ALA B 235 -3.79 -3.36 1.83
N LEU B 236 -2.67 -2.85 2.28
CA LEU B 236 -1.41 -3.57 2.10
C LEU B 236 -1.39 -4.95 2.75
N TYR B 237 -2.30 -5.21 3.69
CA TYR B 237 -2.27 -6.44 4.50
C TYR B 237 -3.43 -7.40 4.21
N ILE B 238 -4.42 -6.98 3.42
CA ILE B 238 -5.38 -7.92 2.80
C ILE B 238 -4.68 -9.08 2.07
N ARG B 239 -4.95 -10.33 2.44
CA ARG B 239 -4.12 -11.47 1.97
C ARG B 239 -4.35 -11.82 0.51
N GLU B 240 -3.27 -12.17 -0.18
CA GLU B 240 -3.28 -12.46 -1.62
C GLU B 240 -4.29 -11.62 -2.45
N ARG B 241 -4.06 -10.32 -2.42
CA ARG B 241 -4.94 -9.36 -3.08
C ARG B 241 -4.59 -9.23 -4.57
N LEU B 242 -3.31 -9.22 -4.87
CA LEU B 242 -2.88 -9.13 -6.27
C LEU B 242 -3.26 -10.39 -7.07
N PRO B 243 -3.14 -11.57 -6.45
CA PRO B 243 -3.70 -12.75 -7.09
C PRO B 243 -5.20 -12.68 -7.26
N LYS B 244 -5.91 -12.13 -6.29
CA LYS B 244 -7.35 -12.05 -6.45
C LYS B 244 -7.71 -11.06 -7.57
N LEU B 245 -6.92 -9.99 -7.72
CA LEU B 245 -7.25 -8.88 -8.66
C LEU B 245 -7.04 -9.26 -10.12
N ARG B 246 -5.94 -9.95 -10.41
CA ARG B 246 -5.67 -10.62 -11.69
C ARG B 246 -6.69 -11.68 -12.05
N TYR B 247 -7.38 -12.21 -11.05
CA TYR B 247 -8.43 -13.16 -11.31
C TYR B 247 -9.59 -12.41 -11.97
N ASP B 248 -10.07 -11.35 -11.33
CA ASP B 248 -11.18 -10.58 -11.85
C ASP B 248 -10.85 -10.01 -13.24
N LYS B 249 -9.55 -9.96 -13.55
CA LYS B 249 -9.05 -9.60 -14.88
C LYS B 249 -9.33 -10.69 -15.91
N GLN B 250 -8.70 -11.85 -15.76
CA GLN B 250 -8.89 -12.99 -16.68
C GLN B 250 -10.32 -13.54 -16.65
N LEU B 251 -11.24 -12.82 -16.00
CA LEU B 251 -12.58 -13.31 -15.76
C LEU B 251 -13.58 -12.40 -16.40
N VAL B 252 -13.43 -11.11 -16.19
CA VAL B 252 -14.34 -10.11 -16.71
C VAL B 252 -13.76 -9.50 -18.00
N GLY B 253 -12.58 -9.99 -18.40
CA GLY B 253 -12.02 -9.73 -19.72
C GLY B 253 -11.30 -8.41 -19.97
N VAL B 254 -11.04 -7.62 -18.93
CA VAL B 254 -10.29 -6.36 -19.08
C VAL B 254 -8.80 -6.67 -19.28
N THR B 255 -8.48 -7.96 -19.28
CA THR B 255 -7.24 -8.47 -19.87
C THR B 255 -7.18 -8.22 -21.39
N GLU B 256 -8.34 -8.34 -22.05
CA GLU B 256 -8.47 -8.29 -23.52
C GLU B 256 -8.53 -6.86 -24.05
N ARG B 257 -9.61 -6.13 -23.73
CA ARG B 257 -9.70 -4.71 -24.05
C ARG B 257 -8.71 -3.97 -23.11
N GLU B 258 -7.69 -3.31 -23.66
CA GLU B 258 -6.69 -2.63 -22.83
C GLU B 258 -7.29 -1.40 -22.13
N SER B 259 -6.72 -1.01 -20.99
CA SER B 259 -7.38 -0.11 -20.03
C SER B 259 -6.38 0.54 -19.11
N TYR B 260 -6.85 1.26 -18.12
CA TYR B 260 -5.95 1.93 -17.19
C TYR B 260 -5.68 1.07 -15.96
N VAL B 261 -6.16 -0.18 -15.98
CA VAL B 261 -6.08 -1.07 -14.82
C VAL B 261 -4.62 -1.41 -14.51
N LYS B 262 -4.21 -1.30 -13.24
CA LYS B 262 -2.80 -1.53 -12.91
C LYS B 262 -2.57 -2.96 -12.46
N ALA B 263 -3.63 -3.63 -12.04
CA ALA B 263 -3.58 -5.05 -11.68
C ALA B 263 -2.86 -5.95 -12.71
#